data_1IZD
#
_entry.id   1IZD
#
_cell.length_a   49.361
_cell.length_b   79.421
_cell.length_c   93.563
_cell.angle_alpha   90.00
_cell.angle_beta   90.00
_cell.angle_gamma   90.00
#
_symmetry.space_group_name_H-M   'P 21 21 21'
#
loop_
_entity.id
_entity.type
_entity.pdbx_description
1 polymer 'Aspartic proteinase'
2 non-polymer alpha-D-mannopyranose
3 water water
#
_entity_poly.entity_id   1
_entity_poly.type   'polypeptide(L)'
_entity_poly.pdbx_seq_one_letter_code
;AATGSVTTNPTSNDEEYITQVTVGDDTLGLDFDTGSADLWVFSSQTPSSERSGHDYYTPGSSAQKIDGATWSISYGDGSS
ASGDVYKDKVTVGGVSYDSQAVESAEKVSSEFTQDTANDGLLGLAFSSINTVQPTPQKTFFDNVKSSLSEPIFAVALKHN
APGVYDFGYTDSSKYTGSITYTDVDNSQGFWGFTADGYSIGSDSSSDSITGIADTGTTLLLLDDSIVDAYYEQVNGASYD
SSQGGYVFPSSASLPDFSVTIGDYTATVPGEYISFADVGNGQTFGGIQSNSGIGFSIFGDVFLKSQYVVFDASGPRLGFA
AQA
;
_entity_poly.pdbx_strand_id   A
#
loop_
_chem_comp.id
_chem_comp.type
_chem_comp.name
_chem_comp.formula
MAN D-saccharide, alpha linking alpha-D-mannopyranose 'C6 H12 O6'
#
# COMPACT_ATOMS: atom_id res chain seq x y z
N ALA A 1 -4.89 11.75 20.28
CA ALA A 1 -6.00 10.83 20.64
C ALA A 1 -5.52 9.39 20.60
N ALA A 2 -6.17 8.51 21.34
CA ALA A 2 -5.81 7.10 21.39
C ALA A 2 -6.30 6.32 20.17
N THR A 3 -7.18 6.94 19.40
CA THR A 3 -7.72 6.33 18.19
C THR A 3 -7.94 7.44 17.17
N GLY A 4 -7.98 7.06 15.90
CA GLY A 4 -8.20 8.05 14.86
C GLY A 4 -8.37 7.40 13.51
N SER A 5 -8.96 8.12 12.57
CA SER A 5 -9.16 7.59 11.23
C SER A 5 -8.91 8.67 10.20
N VAL A 6 -8.56 8.24 8.98
CA VAL A 6 -8.32 9.16 7.88
C VAL A 6 -8.95 8.59 6.61
N THR A 7 -9.40 9.48 5.74
CA THR A 7 -10.02 9.09 4.48
C THR A 7 -8.91 8.91 3.45
N THR A 8 -9.02 7.87 2.63
CA THR A 8 -8.03 7.62 1.58
C THR A 8 -8.78 7.48 0.26
N ASN A 9 -8.28 8.16 -0.77
CA ASN A 9 -8.91 8.11 -2.08
C ASN A 9 -7.99 7.66 -3.18
N PRO A 10 -8.51 6.87 -4.13
CA PRO A 10 -7.73 6.36 -5.26
C PRO A 10 -7.59 7.35 -6.41
N THR A 11 -6.50 7.21 -7.15
CA THR A 11 -6.27 8.03 -8.32
C THR A 11 -6.89 7.22 -9.45
N SER A 12 -6.81 7.72 -10.69
CA SER A 12 -7.39 7.02 -11.82
C SER A 12 -7.05 5.53 -11.84
N ASN A 13 -8.05 4.69 -12.11
CA ASN A 13 -7.90 3.24 -12.17
C ASN A 13 -7.42 2.61 -10.88
N ASP A 14 -7.56 3.33 -9.77
CA ASP A 14 -7.11 2.85 -8.46
C ASP A 14 -5.62 2.50 -8.51
N GLU A 15 -4.85 3.32 -9.23
CA GLU A 15 -3.41 3.10 -9.36
C GLU A 15 -2.71 3.20 -8.01
N GLU A 16 -3.14 4.18 -7.22
CA GLU A 16 -2.57 4.40 -5.89
C GLU A 16 -3.63 5.10 -5.06
N TYR A 17 -3.40 5.17 -3.75
CA TYR A 17 -4.33 5.83 -2.85
C TYR A 17 -3.59 6.93 -2.10
N ILE A 18 -4.21 8.10 -2.02
CA ILE A 18 -3.60 9.24 -1.35
C ILE A 18 -4.39 9.60 -0.10
N THR A 19 -3.66 9.96 0.95
CA THR A 19 -4.27 10.29 2.24
C THR A 19 -3.65 11.57 2.80
N GLN A 20 -4.49 12.51 3.20
CA GLN A 20 -4.01 13.78 3.74
C GLN A 20 -3.45 13.63 5.15
N VAL A 21 -2.30 14.23 5.38
CA VAL A 21 -1.68 14.20 6.70
C VAL A 21 -1.01 15.55 6.94
N THR A 22 -0.77 15.89 8.19
CA THR A 22 -0.09 17.15 8.47
C THR A 22 1.32 16.82 8.94
N VAL A 23 2.29 17.53 8.37
CA VAL A 23 3.70 17.38 8.70
C VAL A 23 4.15 18.78 9.08
N GLY A 24 4.49 18.98 10.34
CA GLY A 24 4.87 20.31 10.79
C GLY A 24 3.64 21.18 10.64
N ASP A 25 3.76 22.30 9.95
CA ASP A 25 2.63 23.20 9.75
C ASP A 25 1.97 23.01 8.39
N ASP A 26 2.44 22.02 7.64
CA ASP A 26 1.93 21.77 6.31
C ASP A 26 1.00 20.56 6.21
N THR A 27 0.09 20.61 5.24
CA THR A 27 -0.85 19.52 5.01
C THR A 27 -0.64 19.03 3.59
N LEU A 28 -0.39 17.73 3.43
CA LEU A 28 -0.17 17.20 2.09
C LEU A 28 -0.63 15.75 1.96
N GLY A 29 -0.87 15.34 0.73
CA GLY A 29 -1.33 13.99 0.47
C GLY A 29 -0.20 13.00 0.30
N LEU A 30 -0.20 11.95 1.13
CA LEU A 30 0.84 10.94 1.06
C LEU A 30 0.28 9.55 0.74
N ASP A 31 1.13 8.70 0.20
CA ASP A 31 0.77 7.34 -0.18
C ASP A 31 1.10 6.41 1.00
N PHE A 32 0.08 5.98 1.74
CA PHE A 32 0.28 5.07 2.87
C PHE A 32 0.72 3.73 2.27
N ASP A 33 1.94 3.32 2.60
CA ASP A 33 2.56 2.12 2.06
C ASP A 33 2.95 1.10 3.13
N THR A 34 2.19 0.01 3.24
CA THR A 34 2.50 -1.02 4.23
C THR A 34 3.69 -1.87 3.78
N GLY A 35 4.24 -1.55 2.61
CA GLY A 35 5.38 -2.27 2.10
C GLY A 35 6.67 -1.48 2.28
N SER A 36 6.56 -0.29 2.86
CA SER A 36 7.72 0.56 3.09
C SER A 36 7.78 1.05 4.53
N ALA A 37 8.99 1.30 5.03
CA ALA A 37 9.17 1.79 6.39
C ALA A 37 9.69 3.23 6.39
N ASP A 38 9.54 3.91 5.26
CA ASP A 38 9.98 5.30 5.15
C ASP A 38 8.83 6.25 5.01
N LEU A 39 8.98 7.44 5.59
CA LEU A 39 7.99 8.49 5.47
C LEU A 39 8.77 9.62 4.82
N TRP A 40 8.55 9.83 3.52
CA TRP A 40 9.24 10.91 2.82
C TRP A 40 8.24 11.85 2.20
N VAL A 41 8.64 13.11 2.01
CA VAL A 41 7.74 14.11 1.48
C VAL A 41 8.39 15.10 0.52
N PHE A 42 7.56 15.67 -0.38
CA PHE A 42 8.05 16.71 -1.27
C PHE A 42 8.26 17.83 -0.25
N SER A 43 9.30 18.63 -0.42
CA SER A 43 9.58 19.69 0.53
C SER A 43 10.06 20.98 -0.12
N SER A 44 10.36 21.96 0.72
CA SER A 44 10.86 23.23 0.23
C SER A 44 12.28 23.01 -0.33
N GLN A 45 12.89 21.90 0.06
CA GLN A 45 14.23 21.57 -0.42
C GLN A 45 14.17 20.95 -1.80
N THR A 46 13.02 20.40 -2.16
CA THR A 46 12.85 19.79 -3.48
C THR A 46 12.93 20.93 -4.51
N PRO A 47 13.69 20.74 -5.60
CA PRO A 47 13.80 21.79 -6.61
C PRO A 47 12.43 22.35 -7.01
N SER A 48 12.33 23.67 -7.11
CA SER A 48 11.07 24.30 -7.50
C SER A 48 10.53 23.67 -8.77
N SER A 49 11.42 23.37 -9.71
CA SER A 49 11.02 22.77 -10.97
C SER A 49 10.51 21.34 -10.81
N GLU A 50 10.88 20.69 -9.71
CA GLU A 50 10.47 19.31 -9.48
C GLU A 50 9.24 19.16 -8.57
N ARG A 51 8.91 20.20 -7.81
CA ARG A 51 7.74 20.15 -6.92
C ARG A 51 6.60 21.03 -7.42
N SER A 52 6.76 21.56 -8.63
CA SER A 52 5.72 22.42 -9.20
C SER A 52 4.36 21.72 -9.17
N GLY A 53 3.35 22.40 -8.64
CA GLY A 53 2.02 21.83 -8.58
C GLY A 53 1.75 20.93 -7.39
N HIS A 54 2.77 20.65 -6.58
CA HIS A 54 2.63 19.78 -5.40
C HIS A 54 2.52 20.54 -4.08
N ASP A 55 1.83 19.92 -3.12
CA ASP A 55 1.76 20.48 -1.78
C ASP A 55 3.12 20.01 -1.25
N TYR A 56 3.75 20.79 -0.39
CA TYR A 56 5.05 20.37 0.14
C TYR A 56 5.29 20.83 1.56
N TYR A 57 6.26 20.18 2.20
CA TYR A 57 6.64 20.45 3.58
C TYR A 57 7.81 21.42 3.67
N THR A 58 7.68 22.42 4.53
CA THR A 58 8.75 23.38 4.75
C THR A 58 9.19 23.27 6.20
N PRO A 59 10.41 22.77 6.45
CA PRO A 59 10.93 22.61 7.82
C PRO A 59 10.93 23.94 8.54
N GLY A 60 10.09 24.07 9.55
CA GLY A 60 9.98 25.30 10.30
C GLY A 60 10.49 25.23 11.73
N SER A 61 9.93 26.08 12.58
CA SER A 61 10.32 26.17 13.99
C SER A 61 10.24 24.86 14.77
N SER A 62 9.35 23.96 14.37
CA SER A 62 9.20 22.70 15.09
C SER A 62 10.08 21.57 14.52
N ALA A 63 10.76 21.85 13.41
CA ALA A 63 11.61 20.86 12.78
C ALA A 63 12.99 20.80 13.41
N GLN A 64 13.53 19.60 13.55
CA GLN A 64 14.86 19.40 14.11
C GLN A 64 15.63 18.47 13.18
N LYS A 65 16.58 19.04 12.46
CA LYS A 65 17.35 18.24 11.51
C LYS A 65 18.22 17.17 12.14
N ILE A 66 18.25 16.00 11.52
CA ILE A 66 19.11 14.92 11.97
C ILE A 66 20.32 15.10 11.06
N ASP A 67 21.28 15.88 11.54
CA ASP A 67 22.48 16.18 10.78
C ASP A 67 23.26 14.95 10.33
N GLY A 68 23.59 14.92 9.04
CA GLY A 68 24.35 13.80 8.50
C GLY A 68 23.52 12.63 8.01
N ALA A 69 22.22 12.66 8.26
CA ALA A 69 21.34 11.57 7.85
C ALA A 69 20.89 11.77 6.41
N THR A 70 20.81 10.66 5.67
CA THR A 70 20.38 10.70 4.28
C THR A 70 19.49 9.49 4.02
N TRP A 71 18.71 9.57 2.96
CA TRP A 71 17.84 8.48 2.58
C TRP A 71 17.74 8.44 1.07
N SER A 72 17.47 7.26 0.52
CA SER A 72 17.33 7.09 -0.91
C SER A 72 16.53 5.83 -1.17
N ILE A 73 15.53 5.95 -2.05
CA ILE A 73 14.68 4.83 -2.41
C ILE A 73 14.63 4.72 -3.92
N SER A 74 14.83 3.50 -4.44
CA SER A 74 14.79 3.27 -5.87
C SER A 74 13.63 2.35 -6.21
N TYR A 75 12.97 2.60 -7.33
CA TYR A 75 11.84 1.78 -7.74
C TYR A 75 12.13 1.00 -9.03
N GLY A 76 11.29 0.01 -9.29
CA GLY A 76 11.47 -0.83 -10.47
C GLY A 76 11.56 -0.08 -11.79
N ASP A 77 10.52 0.70 -12.09
CA ASP A 77 10.48 1.45 -13.34
C ASP A 77 11.66 2.42 -13.47
N GLY A 78 12.45 2.53 -12.42
CA GLY A 78 13.61 3.40 -12.44
C GLY A 78 13.42 4.68 -11.64
N SER A 79 12.18 4.95 -11.24
CA SER A 79 11.89 6.15 -10.45
C SER A 79 12.66 6.11 -9.14
N SER A 80 13.07 7.27 -8.66
CA SER A 80 13.81 7.35 -7.42
C SER A 80 13.57 8.67 -6.70
N ALA A 81 13.95 8.69 -5.42
CA ALA A 81 13.80 9.86 -4.58
C ALA A 81 14.81 9.75 -3.44
N SER A 82 15.33 10.89 -3.00
CA SER A 82 16.31 10.89 -1.91
C SER A 82 16.46 12.30 -1.34
N GLY A 83 17.09 12.40 -0.18
CA GLY A 83 17.29 13.70 0.45
C GLY A 83 17.84 13.57 1.85
N ASP A 84 17.46 14.49 2.72
CA ASP A 84 17.91 14.47 4.11
C ASP A 84 16.77 14.23 5.09
N VAL A 85 17.03 14.37 6.39
CA VAL A 85 15.99 14.07 7.38
C VAL A 85 15.84 15.06 8.53
N TYR A 86 14.59 15.29 8.93
CA TYR A 86 14.26 16.16 10.05
C TYR A 86 13.24 15.44 10.90
N LYS A 87 13.21 15.74 12.19
CA LYS A 87 12.20 15.17 13.05
C LYS A 87 11.16 16.30 13.19
N ASP A 88 9.88 15.95 13.09
CA ASP A 88 8.83 16.97 13.19
C ASP A 88 7.51 16.31 13.56
N LYS A 89 6.52 17.13 13.88
CA LYS A 89 5.22 16.60 14.26
C LYS A 89 4.43 16.13 13.04
N VAL A 90 3.97 14.88 13.12
CA VAL A 90 3.18 14.29 12.05
C VAL A 90 1.85 13.88 12.68
N THR A 91 0.75 14.33 12.07
CA THR A 91 -0.58 14.04 12.58
C THR A 91 -1.42 13.32 11.54
N VAL A 92 -1.99 12.19 11.94
CA VAL A 92 -2.83 11.38 11.07
C VAL A 92 -4.19 11.20 11.74
N GLY A 93 -5.18 11.96 11.27
CA GLY A 93 -6.51 11.86 11.83
C GLY A 93 -6.64 11.93 13.34
N GLY A 94 -5.95 12.89 13.96
CA GLY A 94 -6.03 13.04 15.39
C GLY A 94 -4.93 12.35 16.17
N VAL A 95 -4.27 11.39 15.54
CA VAL A 95 -3.17 10.66 16.17
C VAL A 95 -1.88 11.30 15.72
N SER A 96 -1.08 11.79 16.66
CA SER A 96 0.15 12.43 16.28
C SER A 96 1.37 12.06 17.08
N TYR A 97 2.53 12.36 16.52
CA TYR A 97 3.81 12.12 17.17
C TYR A 97 4.60 13.38 16.86
N ASP A 98 5.08 14.04 17.90
CA ASP A 98 5.79 15.31 17.76
C ASP A 98 7.20 15.29 17.19
N SER A 99 7.84 14.13 17.17
CA SER A 99 9.20 14.07 16.63
C SER A 99 9.42 12.90 15.68
N GLN A 100 8.52 12.76 14.71
CA GLN A 100 8.62 11.70 13.72
C GLN A 100 9.71 12.03 12.70
N ALA A 101 10.49 11.04 12.31
CA ALA A 101 11.53 11.25 11.33
C ALA A 101 10.84 11.49 9.99
N VAL A 102 11.04 12.69 9.44
CA VAL A 102 10.45 13.08 8.16
C VAL A 102 11.57 13.21 7.13
N GLU A 103 11.54 12.33 6.14
CA GLU A 103 12.55 12.31 5.08
C GLU A 103 12.21 13.31 3.97
N SER A 104 12.95 14.41 3.97
CA SER A 104 12.77 15.50 3.01
C SER A 104 13.44 15.22 1.67
N ALA A 105 12.64 15.23 0.59
CA ALA A 105 13.17 14.97 -0.73
C ALA A 105 13.97 16.14 -1.30
N GLU A 106 15.21 15.89 -1.67
CA GLU A 106 16.04 16.93 -2.26
C GLU A 106 16.04 16.73 -3.76
N LYS A 107 15.48 15.60 -4.19
CA LYS A 107 15.36 15.28 -5.61
C LYS A 107 14.42 14.11 -5.84
N VAL A 108 13.68 14.15 -6.94
CA VAL A 108 12.74 13.10 -7.29
C VAL A 108 12.70 12.97 -8.81
N SER A 109 12.30 11.79 -9.30
CA SER A 109 12.23 11.54 -10.73
C SER A 109 11.05 12.26 -11.38
N SER A 110 11.10 12.36 -12.71
CA SER A 110 10.04 13.04 -13.46
C SER A 110 8.67 12.41 -13.20
N GLU A 111 8.64 11.10 -12.97
CA GLU A 111 7.38 10.42 -12.70
C GLU A 111 6.73 11.00 -11.46
N PHE A 112 7.51 11.15 -10.40
CA PHE A 112 7.01 11.71 -9.15
C PHE A 112 6.52 13.13 -9.36
N THR A 113 7.30 13.93 -10.09
CA THR A 113 6.92 15.30 -10.35
C THR A 113 5.58 15.37 -11.09
N GLN A 114 5.40 14.50 -12.09
CA GLN A 114 4.17 14.49 -12.87
C GLN A 114 2.93 14.08 -12.09
N ASP A 115 3.12 13.24 -11.07
CA ASP A 115 2.02 12.77 -10.23
C ASP A 115 1.76 13.84 -9.16
N THR A 116 1.18 14.97 -9.56
CA THR A 116 0.93 16.09 -8.67
C THR A 116 0.10 15.83 -7.41
N ALA A 117 -0.76 14.81 -7.43
CA ALA A 117 -1.58 14.53 -6.26
C ALA A 117 -0.80 13.77 -5.18
N ASN A 118 0.31 13.17 -5.59
CA ASN A 118 1.17 12.39 -4.68
C ASN A 118 2.31 13.25 -4.17
N ASP A 119 2.32 13.52 -2.87
CA ASP A 119 3.37 14.36 -2.29
C ASP A 119 4.31 13.62 -1.36
N GLY A 120 4.30 12.29 -1.45
CA GLY A 120 5.18 11.53 -0.59
C GLY A 120 4.62 10.18 -0.21
N LEU A 121 5.28 9.56 0.77
CA LEU A 121 4.92 8.24 1.24
C LEU A 121 4.92 8.19 2.77
N LEU A 122 4.02 7.39 3.34
CA LEU A 122 3.99 7.20 4.79
C LEU A 122 4.08 5.71 4.96
N GLY A 123 5.29 5.24 5.25
CA GLY A 123 5.53 3.81 5.41
C GLY A 123 4.90 3.19 6.64
N LEU A 124 4.30 2.02 6.46
CA LEU A 124 3.65 1.31 7.56
C LEU A 124 4.23 -0.10 7.76
N ALA A 125 5.33 -0.40 7.07
CA ALA A 125 5.99 -1.69 7.22
C ALA A 125 6.81 -1.57 8.50
N PHE A 126 7.61 -2.60 8.82
CA PHE A 126 8.41 -2.57 10.03
C PHE A 126 9.66 -1.68 9.94
N SER A 127 9.95 -0.96 11.02
CA SER A 127 11.10 -0.05 11.07
C SER A 127 12.42 -0.70 10.68
N SER A 128 12.49 -2.03 10.79
CA SER A 128 13.71 -2.76 10.45
C SER A 128 14.20 -2.49 9.03
N ILE A 129 13.30 -2.08 8.14
CA ILE A 129 13.73 -1.81 6.77
C ILE A 129 13.74 -0.35 6.37
N ASN A 130 13.70 0.55 7.36
CA ASN A 130 13.75 1.97 7.06
C ASN A 130 15.13 2.21 6.43
N THR A 131 15.18 3.01 5.36
CA THR A 131 16.43 3.24 4.64
C THR A 131 17.39 4.31 5.14
N VAL A 132 16.97 5.14 6.08
CA VAL A 132 17.85 6.20 6.55
C VAL A 132 19.22 5.71 7.01
N GLN A 133 20.24 6.46 6.60
CA GLN A 133 21.63 6.15 6.95
C GLN A 133 22.27 7.41 7.53
N PRO A 134 23.25 7.24 8.42
CA PRO A 134 23.82 5.98 8.90
C PRO A 134 22.94 5.19 9.89
N THR A 135 21.95 5.85 10.48
CA THR A 135 21.09 5.19 11.44
C THR A 135 19.61 5.20 11.05
N PRO A 136 19.03 4.02 10.83
CA PRO A 136 17.61 3.90 10.45
C PRO A 136 16.70 4.53 11.50
N GLN A 137 15.54 4.99 11.05
CA GLN A 137 14.58 5.65 11.93
C GLN A 137 13.30 4.82 12.13
N LYS A 138 12.58 5.14 13.20
CA LYS A 138 11.33 4.45 13.53
C LYS A 138 10.18 4.99 12.69
N THR A 139 9.28 4.10 12.28
CA THR A 139 8.12 4.48 11.49
C THR A 139 7.11 5.21 12.37
N PHE A 140 6.14 5.83 11.75
CA PHE A 140 5.09 6.55 12.46
C PHE A 140 4.33 5.59 13.39
N PHE A 141 3.91 4.46 12.85
CA PHE A 141 3.17 3.48 13.64
C PHE A 141 3.98 2.96 14.82
N ASP A 142 5.28 2.77 14.60
CA ASP A 142 6.14 2.27 15.67
C ASP A 142 6.21 3.31 16.79
N ASN A 143 6.25 4.59 16.41
CA ASN A 143 6.31 5.67 17.38
C ASN A 143 5.02 5.87 18.19
N VAL A 144 3.87 5.73 17.54
CA VAL A 144 2.60 5.97 18.23
C VAL A 144 1.80 4.77 18.73
N LYS A 145 2.15 3.56 18.30
CA LYS A 145 1.37 2.40 18.69
C LYS A 145 1.11 2.19 20.19
N SER A 146 2.08 2.49 21.04
CA SER A 146 1.88 2.31 22.47
C SER A 146 0.87 3.29 23.05
N SER A 147 0.64 4.39 22.34
CA SER A 147 -0.32 5.40 22.80
C SER A 147 -1.73 5.15 22.27
N LEU A 148 -1.89 4.13 21.44
CA LEU A 148 -3.20 3.83 20.89
C LEU A 148 -3.98 2.90 21.82
N SER A 149 -5.29 2.86 21.67
CA SER A 149 -6.13 2.00 22.50
C SER A 149 -5.68 0.55 22.31
N GLU A 150 -5.29 0.24 21.09
CA GLU A 150 -4.80 -1.09 20.73
C GLU A 150 -3.69 -0.84 19.69
N PRO A 151 -2.59 -1.60 19.76
CA PRO A 151 -1.46 -1.43 18.82
C PRO A 151 -1.77 -1.98 17.43
N ILE A 152 -2.74 -1.38 16.76
CA ILE A 152 -3.15 -1.83 15.44
C ILE A 152 -3.60 -0.68 14.54
N PHE A 153 -3.65 -0.97 13.24
CA PHE A 153 -4.18 -0.03 12.25
C PHE A 153 -4.89 -0.93 11.25
N ALA A 154 -5.93 -0.39 10.61
CA ALA A 154 -6.69 -1.18 9.66
C ALA A 154 -6.90 -0.41 8.38
N VAL A 155 -7.10 -1.13 7.29
CA VAL A 155 -7.29 -0.49 5.99
C VAL A 155 -8.48 -1.04 5.22
N ALA A 156 -9.29 -0.13 4.68
CA ALA A 156 -10.44 -0.50 3.88
C ALA A 156 -10.41 0.37 2.63
N LEU A 157 -9.49 0.05 1.72
CA LEU A 157 -9.35 0.77 0.46
C LEU A 157 -10.58 0.42 -0.37
N LYS A 158 -11.01 1.33 -1.23
CA LYS A 158 -12.17 1.04 -2.06
C LYS A 158 -11.97 1.37 -3.52
N HIS A 159 -12.73 0.67 -4.36
CA HIS A 159 -12.68 0.84 -5.80
C HIS A 159 -13.39 2.12 -6.22
N ASN A 160 -12.65 3.03 -6.86
CA ASN A 160 -13.22 4.28 -7.35
C ASN A 160 -14.09 4.99 -6.32
N ALA A 161 -13.66 4.99 -5.06
CA ALA A 161 -14.45 5.65 -4.01
C ALA A 161 -13.63 5.85 -2.74
N PRO A 162 -14.09 6.74 -1.85
CA PRO A 162 -13.36 6.98 -0.60
C PRO A 162 -13.31 5.73 0.27
N GLY A 163 -12.18 5.55 0.95
CA GLY A 163 -12.00 4.42 1.84
C GLY A 163 -11.43 4.95 3.15
N VAL A 164 -10.96 4.07 4.01
CA VAL A 164 -10.41 4.52 5.28
C VAL A 164 -9.20 3.75 5.80
N TYR A 165 -8.51 4.39 6.73
CA TYR A 165 -7.37 3.83 7.45
C TYR A 165 -7.77 4.11 8.89
N ASP A 166 -7.84 3.07 9.73
CA ASP A 166 -8.18 3.25 11.14
C ASP A 166 -6.94 2.98 11.98
N PHE A 167 -6.70 3.83 12.97
CA PHE A 167 -5.56 3.66 13.87
C PHE A 167 -6.00 3.47 15.31
N GLY A 168 -5.59 2.36 15.90
CA GLY A 168 -5.90 2.08 17.30
C GLY A 168 -7.23 1.38 17.58
N TYR A 169 -7.99 1.07 16.53
CA TYR A 169 -9.27 0.40 16.71
C TYR A 169 -9.81 -0.10 15.39
N THR A 170 -10.81 -0.96 15.45
CA THR A 170 -11.44 -1.47 14.24
C THR A 170 -12.83 -0.82 14.18
N ASP A 171 -13.24 -0.47 12.97
CA ASP A 171 -14.53 0.19 12.76
C ASP A 171 -15.57 -0.80 12.25
N SER A 172 -16.45 -1.24 13.13
CA SER A 172 -17.50 -2.21 12.81
C SER A 172 -18.43 -1.81 11.67
N SER A 173 -18.48 -0.52 11.35
CA SER A 173 -19.35 -0.06 10.27
C SER A 173 -18.70 -0.30 8.91
N LYS A 174 -17.41 -0.63 8.90
CA LYS A 174 -16.69 -0.82 7.66
C LYS A 174 -16.60 -2.25 7.14
N TYR A 175 -16.95 -3.22 8.00
CA TYR A 175 -16.91 -4.62 7.60
C TYR A 175 -18.07 -5.41 8.18
N THR A 176 -18.26 -6.63 7.69
CA THR A 176 -19.33 -7.47 8.19
C THR A 176 -18.74 -8.73 8.80
N GLY A 177 -19.48 -9.33 9.72
CA GLY A 177 -19.00 -10.54 10.37
C GLY A 177 -17.88 -10.24 11.34
N SER A 178 -17.07 -11.24 11.64
CA SER A 178 -15.95 -11.09 12.55
C SER A 178 -14.63 -11.07 11.78
N ILE A 179 -13.58 -10.61 12.44
CA ILE A 179 -12.26 -10.53 11.83
C ILE A 179 -11.55 -11.88 12.01
N THR A 180 -10.94 -12.38 10.94
CA THR A 180 -10.21 -13.64 11.01
C THR A 180 -8.72 -13.31 10.89
N TYR A 181 -7.94 -13.77 11.88
CA TYR A 181 -6.51 -13.50 11.92
C TYR A 181 -5.60 -14.64 11.49
N THR A 182 -4.40 -14.27 11.08
CA THR A 182 -3.38 -15.24 10.66
C THR A 182 -2.05 -14.63 11.07
N ASP A 183 -1.09 -15.47 11.46
CA ASP A 183 0.21 -14.97 11.91
C ASP A 183 1.01 -14.25 10.84
N VAL A 184 1.74 -13.22 11.25
CA VAL A 184 2.56 -12.44 10.35
C VAL A 184 4.04 -12.78 10.45
N ASP A 185 4.71 -12.77 9.31
CA ASP A 185 6.14 -13.04 9.24
C ASP A 185 6.77 -11.71 8.88
N ASN A 186 7.42 -11.08 9.86
CA ASN A 186 8.05 -9.79 9.63
C ASN A 186 9.57 -9.87 9.47
N SER A 187 10.08 -11.08 9.25
CA SER A 187 11.53 -11.29 9.10
C SER A 187 12.18 -10.49 7.97
N GLN A 188 11.39 -10.10 6.98
CA GLN A 188 11.91 -9.32 5.86
C GLN A 188 11.46 -7.87 5.95
N GLY A 189 10.85 -7.52 7.08
CA GLY A 189 10.38 -6.16 7.29
C GLY A 189 8.98 -5.88 6.77
N PHE A 190 8.37 -6.89 6.14
CA PHE A 190 7.03 -6.72 5.58
C PHE A 190 5.95 -7.38 6.43
N TRP A 191 4.70 -7.10 6.09
CA TRP A 191 3.59 -7.74 6.78
C TRP A 191 3.34 -9.00 5.96
N GLY A 192 4.24 -9.96 6.12
CA GLY A 192 4.13 -11.22 5.39
C GLY A 192 3.15 -12.16 6.03
N PHE A 193 2.46 -12.93 5.21
CA PHE A 193 1.49 -13.88 5.72
C PHE A 193 1.32 -15.00 4.70
N THR A 194 0.63 -16.05 5.09
CA THR A 194 0.41 -17.17 4.21
C THR A 194 -1.07 -17.52 4.18
N ALA A 195 -1.66 -17.41 2.99
CA ALA A 195 -3.07 -17.75 2.82
C ALA A 195 -3.11 -19.27 2.78
N ASP A 196 -4.08 -19.86 3.46
CA ASP A 196 -4.17 -21.31 3.50
C ASP A 196 -4.49 -21.97 2.17
N GLY A 197 -5.31 -21.31 1.36
CA GLY A 197 -5.66 -21.87 0.06
C GLY A 197 -6.22 -20.78 -0.82
N TYR A 198 -6.68 -21.14 -2.02
CA TYR A 198 -7.24 -20.16 -2.93
C TYR A 198 -8.18 -20.80 -3.92
N SER A 199 -8.83 -19.98 -4.74
CA SER A 199 -9.76 -20.49 -5.73
C SER A 199 -9.89 -19.55 -6.92
N ILE A 200 -9.87 -20.13 -8.11
CA ILE A 200 -10.03 -19.38 -9.34
C ILE A 200 -11.47 -19.69 -9.70
N GLY A 201 -12.34 -18.71 -9.58
CA GLY A 201 -13.75 -18.97 -9.84
C GLY A 201 -14.16 -19.98 -8.79
N SER A 202 -14.85 -21.04 -9.21
CA SER A 202 -15.30 -22.07 -8.28
C SER A 202 -14.30 -23.22 -8.15
N ASP A 203 -13.14 -23.09 -8.76
CA ASP A 203 -12.12 -24.14 -8.70
C ASP A 203 -11.10 -23.84 -7.59
N SER A 204 -11.25 -24.53 -6.46
CA SER A 204 -10.35 -24.32 -5.33
C SER A 204 -9.08 -25.16 -5.36
N SER A 205 -8.04 -24.66 -4.69
CA SER A 205 -6.76 -25.34 -4.59
C SER A 205 -6.42 -25.45 -3.10
N SER A 206 -5.84 -26.58 -2.69
CA SER A 206 -5.47 -26.78 -1.29
C SER A 206 -4.08 -26.25 -0.99
N ASP A 207 -3.43 -25.68 -2.00
CA ASP A 207 -2.09 -25.12 -1.85
C ASP A 207 -2.14 -23.73 -1.22
N SER A 208 -1.18 -23.45 -0.35
CA SER A 208 -1.12 -22.14 0.29
C SER A 208 -0.39 -21.15 -0.62
N ILE A 209 -0.48 -19.87 -0.27
CA ILE A 209 0.19 -18.81 -1.02
C ILE A 209 0.84 -17.90 0.02
N THR A 210 2.14 -17.70 -0.10
CA THR A 210 2.86 -16.85 0.84
C THR A 210 3.28 -15.55 0.16
N GLY A 211 3.03 -14.44 0.83
CA GLY A 211 3.37 -13.14 0.28
C GLY A 211 3.25 -12.06 1.32
N ILE A 212 3.05 -10.82 0.87
CA ILE A 212 2.91 -9.70 1.80
C ILE A 212 1.68 -8.85 1.48
N ALA A 213 1.14 -8.18 2.49
CA ALA A 213 0.00 -7.29 2.30
C ALA A 213 0.64 -5.94 2.06
N ASP A 214 0.52 -5.42 0.84
CA ASP A 214 1.15 -4.16 0.49
C ASP A 214 0.21 -3.13 -0.16
N THR A 215 -0.21 -2.15 0.62
CA THR A 215 -1.09 -1.10 0.14
C THR A 215 -0.39 -0.22 -0.91
N GLY A 216 0.94 -0.27 -0.93
CA GLY A 216 1.70 0.53 -1.89
C GLY A 216 1.89 -0.09 -3.26
N THR A 217 1.33 -1.27 -3.47
CA THR A 217 1.42 -1.97 -4.75
C THR A 217 0.04 -1.96 -5.38
N THR A 218 0.00 -1.66 -6.68
CA THR A 218 -1.26 -1.58 -7.41
C THR A 218 -2.02 -2.88 -7.66
N LEU A 219 -1.31 -3.88 -8.16
CA LEU A 219 -1.91 -5.15 -8.52
C LEU A 219 -1.78 -6.29 -7.53
N LEU A 220 -2.35 -7.43 -7.91
CA LEU A 220 -2.27 -8.67 -7.13
C LEU A 220 -1.26 -9.47 -7.93
N LEU A 221 -0.06 -9.61 -7.38
CA LEU A 221 1.02 -10.33 -8.05
C LEU A 221 1.21 -11.73 -7.48
N LEU A 222 0.99 -12.74 -8.32
CA LEU A 222 1.09 -14.13 -7.89
C LEU A 222 2.07 -14.95 -8.74
N ASP A 223 2.29 -16.20 -8.35
CA ASP A 223 3.18 -17.10 -9.08
C ASP A 223 2.67 -17.32 -10.51
N ASP A 224 3.60 -17.45 -11.46
CA ASP A 224 3.22 -17.68 -12.85
C ASP A 224 2.22 -18.83 -13.00
N SER A 225 2.45 -19.91 -12.27
CA SER A 225 1.56 -21.06 -12.35
C SER A 225 0.11 -20.64 -12.11
N ILE A 226 -0.10 -19.81 -11.09
CA ILE A 226 -1.45 -19.36 -10.76
C ILE A 226 -1.97 -18.31 -11.73
N VAL A 227 -1.12 -17.37 -12.14
CA VAL A 227 -1.53 -16.34 -13.09
C VAL A 227 -1.94 -16.99 -14.40
N ASP A 228 -1.13 -17.92 -14.88
CA ASP A 228 -1.43 -18.62 -16.12
C ASP A 228 -2.75 -19.37 -16.01
N ALA A 229 -2.95 -20.01 -14.86
CA ALA A 229 -4.16 -20.78 -14.60
C ALA A 229 -5.38 -19.87 -14.61
N TYR A 230 -5.23 -18.69 -14.02
CA TYR A 230 -6.33 -17.73 -13.97
C TYR A 230 -6.78 -17.29 -15.36
N TYR A 231 -5.84 -16.83 -16.17
CA TYR A 231 -6.17 -16.36 -17.51
C TYR A 231 -6.55 -17.47 -18.48
N GLU A 232 -6.33 -18.71 -18.08
CA GLU A 232 -6.71 -19.85 -18.90
C GLU A 232 -8.24 -19.89 -18.84
N GLN A 233 -8.77 -19.25 -17.80
CA GLN A 233 -10.21 -19.18 -17.59
C GLN A 233 -10.84 -17.95 -18.22
N VAL A 234 -10.04 -17.14 -18.90
CA VAL A 234 -10.53 -15.92 -19.54
C VAL A 234 -10.41 -16.05 -21.05
N ASN A 235 -11.54 -16.17 -21.73
CA ASN A 235 -11.56 -16.31 -23.18
C ASN A 235 -10.94 -15.12 -23.88
N GLY A 236 -9.97 -15.40 -24.75
CA GLY A 236 -9.30 -14.35 -25.50
C GLY A 236 -8.13 -13.68 -24.80
N ALA A 237 -7.81 -14.13 -23.59
CA ALA A 237 -6.69 -13.54 -22.86
C ALA A 237 -5.36 -13.90 -23.49
N SER A 238 -4.36 -13.05 -23.30
CA SER A 238 -3.04 -13.28 -23.87
C SER A 238 -2.03 -12.35 -23.21
N TYR A 239 -0.76 -12.76 -23.19
CA TYR A 239 0.28 -11.94 -22.60
C TYR A 239 0.67 -10.88 -23.62
N ASP A 240 0.51 -9.61 -23.26
CA ASP A 240 0.86 -8.52 -24.14
C ASP A 240 2.26 -8.02 -23.79
N SER A 241 3.21 -8.33 -24.66
CA SER A 241 4.60 -7.94 -24.45
C SER A 241 4.79 -6.44 -24.28
N SER A 242 4.08 -5.64 -25.07
CA SER A 242 4.20 -4.18 -24.98
C SER A 242 3.62 -3.62 -23.69
N GLN A 243 2.63 -4.32 -23.13
CA GLN A 243 2.00 -3.87 -21.89
C GLN A 243 2.68 -4.48 -20.67
N GLY A 244 3.47 -5.52 -20.88
CA GLY A 244 4.16 -6.16 -19.79
C GLY A 244 3.20 -6.90 -18.87
N GLY A 245 2.23 -7.58 -19.47
CA GLY A 245 1.27 -8.32 -18.67
C GLY A 245 0.14 -8.89 -19.50
N TYR A 246 -0.74 -9.65 -18.84
CA TYR A 246 -1.88 -10.27 -19.49
C TYR A 246 -2.97 -9.25 -19.79
N VAL A 247 -3.54 -9.35 -20.99
CA VAL A 247 -4.62 -8.48 -21.42
C VAL A 247 -5.73 -9.40 -21.97
N PHE A 248 -6.89 -8.82 -22.23
CA PHE A 248 -8.02 -9.58 -22.76
C PHE A 248 -9.07 -8.63 -23.31
N PRO A 249 -10.00 -9.15 -24.12
CA PRO A 249 -11.06 -8.30 -24.70
C PRO A 249 -11.82 -7.66 -23.54
N SER A 250 -12.01 -6.35 -23.63
CA SER A 250 -12.70 -5.60 -22.58
C SER A 250 -14.04 -6.19 -22.15
N SER A 251 -14.69 -6.95 -23.03
CA SER A 251 -15.97 -7.54 -22.71
C SER A 251 -15.89 -8.96 -22.13
N ALA A 252 -14.68 -9.50 -22.09
CA ALA A 252 -14.45 -10.84 -21.58
C ALA A 252 -14.95 -11.03 -20.15
N SER A 253 -15.53 -12.20 -19.87
CA SER A 253 -16.02 -12.50 -18.54
C SER A 253 -14.83 -12.94 -17.68
N LEU A 254 -14.67 -12.30 -16.53
CA LEU A 254 -13.56 -12.61 -15.63
C LEU A 254 -14.05 -13.30 -14.37
N PRO A 255 -13.45 -14.45 -14.01
CA PRO A 255 -13.87 -15.16 -12.80
C PRO A 255 -13.34 -14.45 -11.56
N ASP A 256 -13.98 -14.69 -10.42
CA ASP A 256 -13.52 -14.08 -9.17
C ASP A 256 -12.25 -14.85 -8.78
N PHE A 257 -11.49 -14.27 -7.87
CA PHE A 257 -10.30 -14.93 -7.36
C PHE A 257 -10.32 -14.72 -5.86
N SER A 258 -10.18 -15.79 -5.11
CA SER A 258 -10.20 -15.67 -3.67
C SER A 258 -9.09 -16.44 -3.02
N VAL A 259 -8.79 -16.08 -1.77
CA VAL A 259 -7.79 -16.77 -1.00
C VAL A 259 -8.46 -17.10 0.32
N THR A 260 -8.10 -18.25 0.87
CA THR A 260 -8.68 -18.69 2.13
C THR A 260 -7.74 -18.40 3.29
N ILE A 261 -8.29 -17.79 4.33
CA ILE A 261 -7.54 -17.47 5.54
C ILE A 261 -8.36 -18.10 6.67
N GLY A 262 -7.90 -19.23 7.19
CA GLY A 262 -8.65 -19.88 8.25
C GLY A 262 -10.00 -20.29 7.71
N ASP A 263 -11.08 -19.86 8.36
CA ASP A 263 -12.43 -20.18 7.92
C ASP A 263 -13.07 -19.00 7.18
N TYR A 264 -12.24 -18.12 6.65
CA TYR A 264 -12.72 -16.94 5.93
C TYR A 264 -12.25 -16.89 4.47
N THR A 265 -13.14 -16.43 3.59
CA THR A 265 -12.80 -16.32 2.18
C THR A 265 -12.66 -14.86 1.78
N ALA A 266 -11.47 -14.50 1.33
CA ALA A 266 -11.20 -13.13 0.88
C ALA A 266 -11.38 -13.16 -0.64
N THR A 267 -12.53 -12.67 -1.09
CA THR A 267 -12.85 -12.67 -2.51
C THR A 267 -12.61 -11.40 -3.30
N VAL A 268 -11.90 -11.53 -4.41
CA VAL A 268 -11.63 -10.42 -5.30
C VAL A 268 -12.64 -10.57 -6.44
N PRO A 269 -13.61 -9.63 -6.53
CA PRO A 269 -14.62 -9.72 -7.60
C PRO A 269 -13.98 -9.63 -8.98
N GLY A 270 -14.45 -10.43 -9.93
CA GLY A 270 -13.89 -10.39 -11.27
C GLY A 270 -13.84 -8.97 -11.80
N GLU A 271 -14.80 -8.15 -11.37
CA GLU A 271 -14.90 -6.75 -11.76
C GLU A 271 -13.60 -5.99 -11.52
N TYR A 272 -12.99 -6.22 -10.35
CA TYR A 272 -11.74 -5.55 -10.00
C TYR A 272 -10.53 -6.06 -10.79
N ILE A 273 -10.69 -7.22 -11.44
CA ILE A 273 -9.60 -7.79 -12.21
C ILE A 273 -9.48 -7.14 -13.59
N SER A 274 -10.52 -6.41 -13.99
CA SER A 274 -10.47 -5.68 -15.26
C SER A 274 -9.88 -4.34 -14.84
N PHE A 275 -8.57 -4.31 -14.71
CA PHE A 275 -7.84 -3.13 -14.25
C PHE A 275 -7.88 -1.85 -15.07
N ALA A 276 -7.32 -1.87 -16.27
CA ALA A 276 -7.30 -0.66 -17.09
C ALA A 276 -7.45 -0.93 -18.57
N ASP A 277 -8.09 0.00 -19.28
CA ASP A 277 -8.27 -0.13 -20.72
C ASP A 277 -6.95 0.23 -21.37
N VAL A 278 -6.52 -0.59 -22.32
CA VAL A 278 -5.27 -0.33 -23.02
C VAL A 278 -5.50 -0.08 -24.49
N GLY A 279 -6.73 0.32 -24.82
CA GLY A 279 -7.08 0.59 -26.21
C GLY A 279 -7.23 -0.67 -27.03
N ASN A 280 -7.65 -0.50 -28.28
CA ASN A 280 -7.85 -1.63 -29.19
C ASN A 280 -8.84 -2.63 -28.59
N GLY A 281 -9.76 -2.13 -27.77
CA GLY A 281 -10.75 -2.98 -27.15
C GLY A 281 -10.19 -4.03 -26.21
N GLN A 282 -9.01 -3.78 -25.66
CA GLN A 282 -8.37 -4.71 -24.75
C GLN A 282 -8.24 -4.10 -23.35
N THR A 283 -8.16 -4.96 -22.34
CA THR A 283 -8.05 -4.53 -20.95
C THR A 283 -6.88 -5.24 -20.25
N PHE A 284 -6.13 -4.49 -19.47
CA PHE A 284 -4.99 -5.02 -18.72
C PHE A 284 -5.53 -5.65 -17.43
N GLY A 285 -5.08 -6.86 -17.13
CA GLY A 285 -5.56 -7.56 -15.94
C GLY A 285 -5.04 -7.11 -14.58
N GLY A 286 -5.89 -7.23 -13.56
CA GLY A 286 -5.52 -6.83 -12.21
C GLY A 286 -4.61 -7.85 -11.54
N ILE A 287 -4.55 -9.05 -12.13
CA ILE A 287 -3.70 -10.11 -11.61
C ILE A 287 -2.54 -10.27 -12.58
N GLN A 288 -1.32 -10.21 -12.07
CA GLN A 288 -0.13 -10.37 -12.92
C GLN A 288 0.95 -11.16 -12.19
N SER A 289 2.01 -11.48 -12.91
CA SER A 289 3.12 -12.27 -12.37
C SER A 289 3.99 -11.56 -11.34
N ASN A 290 4.40 -12.30 -10.31
CA ASN A 290 5.28 -11.76 -9.28
C ASN A 290 6.72 -12.09 -9.67
N SER A 291 6.91 -12.47 -10.93
CA SER A 291 8.22 -12.84 -11.44
C SER A 291 9.29 -11.82 -11.07
N GLY A 292 10.40 -12.31 -10.52
CA GLY A 292 11.48 -11.43 -10.12
C GLY A 292 11.42 -11.02 -8.65
N ILE A 293 10.21 -10.99 -8.10
CA ILE A 293 10.02 -10.60 -6.70
C ILE A 293 10.43 -11.73 -5.76
N GLY A 294 10.04 -12.95 -6.11
CA GLY A 294 10.38 -14.09 -5.27
C GLY A 294 9.23 -14.50 -4.37
N PHE A 295 8.21 -13.66 -4.30
CA PHE A 295 7.05 -13.95 -3.47
C PHE A 295 5.85 -13.14 -3.97
N SER A 296 4.67 -13.46 -3.47
CA SER A 296 3.46 -12.79 -3.90
C SER A 296 3.17 -11.48 -3.18
N ILE A 297 2.51 -10.57 -3.89
CA ILE A 297 2.17 -9.27 -3.34
C ILE A 297 0.67 -9.06 -3.40
N PHE A 298 0.04 -8.97 -2.23
CA PHE A 298 -1.37 -8.73 -2.19
C PHE A 298 -1.54 -7.21 -2.17
N GLY A 299 -1.57 -6.65 -3.37
CA GLY A 299 -1.69 -5.21 -3.54
C GLY A 299 -3.12 -4.69 -3.52
N ASP A 300 -3.29 -3.45 -3.95
CA ASP A 300 -4.59 -2.78 -3.95
C ASP A 300 -5.72 -3.54 -4.65
N VAL A 301 -5.43 -4.17 -5.79
CA VAL A 301 -6.46 -4.93 -6.50
C VAL A 301 -7.17 -5.89 -5.53
N PHE A 302 -6.38 -6.53 -4.67
CA PHE A 302 -6.90 -7.48 -3.69
C PHE A 302 -7.42 -6.78 -2.43
N LEU A 303 -6.62 -5.87 -1.88
CA LEU A 303 -6.99 -5.18 -0.66
C LEU A 303 -8.30 -4.39 -0.70
N LYS A 304 -8.64 -3.83 -1.86
CA LYS A 304 -9.85 -3.02 -1.96
C LYS A 304 -11.20 -3.74 -1.85
N SER A 305 -11.17 -5.03 -1.54
CA SER A 305 -12.42 -5.77 -1.35
C SER A 305 -12.43 -6.24 0.10
N GLN A 306 -11.38 -5.90 0.82
CA GLN A 306 -11.23 -6.34 2.20
C GLN A 306 -11.04 -5.24 3.25
N TYR A 307 -11.30 -5.62 4.51
CA TYR A 307 -11.07 -4.75 5.65
C TYR A 307 -9.93 -5.52 6.33
N VAL A 308 -8.72 -4.97 6.24
CA VAL A 308 -7.54 -5.65 6.78
C VAL A 308 -6.95 -5.00 8.03
N VAL A 309 -6.75 -5.82 9.05
CA VAL A 309 -6.20 -5.36 10.32
C VAL A 309 -4.73 -5.73 10.48
N PHE A 310 -3.89 -4.72 10.68
CA PHE A 310 -2.46 -4.94 10.88
C PHE A 310 -2.24 -4.78 12.37
N ASP A 311 -2.06 -5.93 13.04
CA ASP A 311 -1.90 -5.99 14.50
C ASP A 311 -0.44 -6.20 14.91
N ALA A 312 0.13 -5.22 15.59
CA ALA A 312 1.52 -5.31 16.04
C ALA A 312 1.72 -6.39 17.09
N SER A 313 0.67 -6.76 17.81
CA SER A 313 0.79 -7.80 18.82
C SER A 313 0.71 -9.15 18.10
N GLY A 314 1.81 -9.88 18.11
CA GLY A 314 1.88 -11.16 17.45
C GLY A 314 3.18 -11.25 16.69
N PRO A 315 3.29 -10.57 15.53
CA PRO A 315 2.22 -9.76 14.92
C PRO A 315 1.26 -10.64 14.14
N ARG A 316 0.12 -10.09 13.74
CA ARG A 316 -0.88 -10.84 12.97
C ARG A 316 -1.64 -9.94 12.01
N LEU A 317 -2.31 -10.57 11.05
CA LEU A 317 -3.09 -9.86 10.04
C LEU A 317 -4.52 -10.37 10.08
N GLY A 318 -5.49 -9.46 10.15
CA GLY A 318 -6.89 -9.85 10.19
C GLY A 318 -7.63 -9.46 8.94
N PHE A 319 -8.61 -10.28 8.55
CA PHE A 319 -9.41 -10.03 7.36
C PHE A 319 -10.91 -10.16 7.62
N ALA A 320 -11.69 -9.32 6.95
CA ALA A 320 -13.15 -9.35 7.04
C ALA A 320 -13.69 -8.71 5.77
N ALA A 321 -14.89 -9.11 5.36
CA ALA A 321 -15.51 -8.55 4.15
C ALA A 321 -15.98 -7.12 4.38
N GLN A 322 -15.74 -6.26 3.40
CA GLN A 322 -16.16 -4.87 3.51
C GLN A 322 -17.68 -4.81 3.52
N ALA A 323 -18.23 -3.87 4.28
CA ALA A 323 -19.67 -3.71 4.37
C ALA A 323 -20.21 -3.12 3.08
C1 MAN B . -10.93 7.07 18.02
C2 MAN B . -11.57 8.36 18.51
C3 MAN B . -12.26 8.12 19.86
C4 MAN B . -13.22 6.93 19.77
C5 MAN B . -12.51 5.70 19.18
C6 MAN B . -13.43 4.53 18.96
O2 MAN B . -12.53 8.83 17.58
O3 MAN B . -12.97 9.28 20.25
O4 MAN B . -13.70 6.61 21.07
O5 MAN B . -11.92 6.04 17.91
O6 MAN B . -14.50 4.86 18.09
#